data_7WGW
#
_entry.id   7WGW
#
loop_
_entity.id
_entity.type
_entity.pdbx_description
1 polymer 'DNA (20-MER)'
2 non-polymer 'CYCLIC GUANOSINE MONOPHOSPHATE'
#
_entity_poly.entity_id   1
_entity_poly.type   'polydeoxyribonucleotide'
_entity_poly.pdbx_seq_one_letter_code
;(THM)(DA)(DA)(DG)(DG)(DG)(DA)(DG)(DG)(DG)(DC)(DG)(DG)(DG)(DA)(DG)(DG)(8OG)(DA)
(DA)
;
_entity_poly.pdbx_strand_id   X
#